data_5UCV
#
_entry.id   5UCV
#
_cell.length_a   52.110
_cell.length_b   68.440
_cell.length_c   126.890
_cell.angle_alpha   90.000
_cell.angle_beta   90.000
_cell.angle_gamma   90.000
#
_symmetry.space_group_name_H-M   'P 21 21 21'
#
loop_
_entity.id
_entity.type
_entity.pdbx_description
1 polymer 'Probable GTP-binding protein EngB'
2 non-polymer 'ACETATE ION'
3 non-polymer "GUANOSINE-5'-DIPHOSPHATE"
4 non-polymer 'CHLORIDE ION'
5 non-polymer 'PHOSPHATE ION'
6 non-polymer GLYCEROL
7 water water
#
_entity_poly.entity_id   1
_entity_poly.type   'polypeptide(L)'
_entity_poly.pdbx_seq_one_letter_code
;MAHHHHHHMNLFQNAKFFTTVNHLKDLPDTPLEIAFVGRSNAGKSSAINTLTNHVRLAYVSKTPGRTQHINFFELQNGNF
MVDLPGYGYAQVPEAVRAHWVNLLGDYLRHRKQLIGLVLIMDARHPLKELDIRMLDFFHTTGRPVHILLSKADKLSKNEQ
IKTLSQVKKLLKPYSDRQNISVQLFSSLKKQGIDEANRTVGSWFDAADAAASSPEEN
;
_entity_poly.pdbx_strand_id   A,B
#
# COMPACT_ATOMS: atom_id res chain seq x y z
N ASN A 10 26.52 -17.09 12.15
CA ASN A 10 25.26 -16.34 12.13
C ASN A 10 25.54 -14.88 12.43
N LEU A 11 25.05 -14.01 11.54
CA LEU A 11 25.33 -12.58 11.68
C LEU A 11 24.90 -12.05 13.05
N PHE A 12 23.72 -12.42 13.51
CA PHE A 12 23.14 -11.80 14.70
C PHE A 12 23.56 -12.46 16.00
N GLN A 13 24.04 -13.69 15.98
CA GLN A 13 24.34 -14.41 17.21
C GLN A 13 25.33 -13.61 18.05
N ASN A 14 25.03 -13.52 19.35
CA ASN A 14 25.93 -12.92 20.34
C ASN A 14 26.17 -11.43 20.10
N ALA A 15 25.28 -10.76 19.38
CA ALA A 15 25.32 -9.31 19.34
C ALA A 15 25.24 -8.75 20.76
N LYS A 16 25.98 -7.67 21.01
CA LYS A 16 26.08 -7.11 22.36
C LYS A 16 25.55 -5.68 22.38
N PHE A 17 24.76 -5.37 23.41
CA PHE A 17 24.26 -4.00 23.57
C PHE A 17 25.43 -3.04 23.71
N PHE A 18 25.35 -1.93 22.99
CA PHE A 18 26.43 -0.94 22.99
C PHE A 18 25.99 0.38 23.63
N THR A 19 24.93 1.01 23.14
CA THR A 19 24.51 2.28 23.73
C THR A 19 23.06 2.60 23.37
N THR A 20 22.48 3.53 24.12
CA THR A 20 21.12 3.99 23.91
C THR A 20 21.13 5.50 23.74
N VAL A 21 20.43 6.01 22.72
CA VAL A 21 20.36 7.44 22.48
C VAL A 21 18.91 7.85 22.28
N ASN A 22 18.61 9.10 22.67
CA ASN A 22 17.26 9.64 22.58
C ASN A 22 17.13 10.78 21.57
N HIS A 23 18.24 11.20 20.98
CA HIS A 23 18.26 12.31 20.03
C HIS A 23 19.16 11.95 18.87
N LEU A 24 18.78 12.39 17.66
CA LEU A 24 19.59 12.06 16.49
C LEU A 24 20.95 12.76 16.53
N LYS A 25 21.05 13.88 17.25
CA LYS A 25 22.31 14.60 17.37
C LYS A 25 23.38 13.75 18.07
N ASP A 26 22.97 12.76 18.85
CA ASP A 26 23.90 11.99 19.68
C ASP A 26 24.24 10.64 19.09
N LEU A 27 23.92 10.41 17.82
CA LEU A 27 24.20 9.11 17.21
C LEU A 27 25.71 8.86 17.16
N PRO A 28 26.16 7.65 17.50
CA PRO A 28 27.57 7.32 17.35
C PRO A 28 27.97 7.25 15.88
N ASP A 29 29.24 7.51 15.62
CA ASP A 29 29.76 7.51 14.25
C ASP A 29 30.21 6.10 13.85
N THR A 30 29.22 5.21 13.72
CA THR A 30 29.48 3.81 13.44
C THR A 30 30.00 3.61 12.01
N PRO A 31 30.79 2.54 11.75
CA PRO A 31 31.28 2.28 10.39
C PRO A 31 30.18 1.94 9.40
N LEU A 32 29.32 0.99 9.78
CA LEU A 32 28.22 0.47 8.97
C LEU A 32 27.17 -0.01 9.94
N GLU A 33 25.90 0.13 9.55
CA GLU A 33 24.83 -0.39 10.39
C GLU A 33 23.62 -0.78 9.54
N ILE A 34 22.80 -1.66 10.11
CA ILE A 34 21.48 -1.95 9.59
C ILE A 34 20.50 -1.57 10.69
N ALA A 35 19.26 -1.31 10.31
CA ALA A 35 18.26 -0.84 11.25
C ALA A 35 17.07 -1.80 11.26
N PHE A 36 16.45 -1.93 12.43
CA PHE A 36 15.19 -2.64 12.64
C PHE A 36 14.09 -1.63 12.95
N VAL A 37 12.99 -1.67 12.20
CA VAL A 37 11.85 -0.80 12.47
C VAL A 37 10.58 -1.63 12.44
N GLY A 38 9.56 -1.15 13.12
CA GLY A 38 8.26 -1.77 13.00
C GLY A 38 7.25 -1.08 13.88
N ARG A 39 5.99 -1.39 13.63
CA ARG A 39 4.91 -0.85 14.45
CA ARG A 39 4.90 -0.86 14.44
C ARG A 39 5.01 -1.44 15.85
N SER A 40 4.57 -0.65 16.84
CA SER A 40 4.51 -1.17 18.19
C SER A 40 3.70 -2.46 18.20
N ASN A 41 4.17 -3.43 18.99
CA ASN A 41 3.55 -4.74 19.12
C ASN A 41 3.62 -5.59 17.86
N ALA A 42 4.51 -5.25 16.91
CA ALA A 42 4.75 -6.13 15.77
C ALA A 42 5.53 -7.38 16.16
N GLY A 43 6.18 -7.38 17.32
CA GLY A 43 7.10 -8.44 17.70
C GLY A 43 8.57 -8.13 17.45
N LYS A 44 8.95 -6.85 17.41
CA LYS A 44 10.33 -6.51 17.07
C LYS A 44 11.30 -6.88 18.19
N SER A 45 10.94 -6.59 19.44
CA SER A 45 11.81 -6.94 20.55
C SER A 45 12.01 -8.45 20.64
N SER A 46 10.92 -9.20 20.48
CA SER A 46 11.03 -10.65 20.50
C SER A 46 11.91 -11.15 19.36
N ALA A 47 11.74 -10.58 18.15
CA ALA A 47 12.55 -10.99 17.02
C ALA A 47 14.04 -10.73 17.26
N ILE A 48 14.38 -9.57 17.81
CA ILE A 48 15.77 -9.28 18.11
C ILE A 48 16.31 -10.25 19.16
N ASN A 49 15.53 -10.53 20.20
CA ASN A 49 15.99 -11.48 21.21
C ASN A 49 16.22 -12.85 20.59
N THR A 50 15.33 -13.26 19.69
CA THR A 50 15.46 -14.55 19.03
C THR A 50 16.72 -14.61 18.18
N LEU A 51 16.93 -13.57 17.36
CA LEU A 51 18.07 -13.53 16.45
C LEU A 51 19.39 -13.45 17.21
N THR A 52 19.44 -12.67 18.29
CA THR A 52 20.69 -12.48 19.02
C THR A 52 20.88 -13.45 20.17
N ASN A 53 19.88 -14.30 20.45
CA ASN A 53 19.92 -15.23 21.58
C ASN A 53 20.01 -14.49 22.91
N HIS A 54 19.22 -13.43 23.05
CA HIS A 54 19.19 -12.63 24.27
C HIS A 54 17.76 -12.47 24.78
N GLN A 68 10.70 6.64 24.90
CA GLN A 68 11.20 5.91 23.73
C GLN A 68 12.66 6.27 23.46
N HIS A 69 13.42 5.34 22.90
CA HIS A 69 14.84 5.56 22.66
C HIS A 69 15.35 4.56 21.63
N ILE A 70 16.56 4.82 21.15
CA ILE A 70 17.20 4.07 20.08
C ILE A 70 18.33 3.24 20.66
N ASN A 71 18.31 1.94 20.42
CA ASN A 71 19.32 1.04 20.96
C ASN A 71 20.28 0.55 19.88
N PHE A 72 21.57 0.70 20.15
CA PHE A 72 22.64 0.21 19.29
C PHE A 72 23.21 -1.07 19.85
N PHE A 73 23.37 -2.08 18.99
CA PHE A 73 24.01 -3.35 19.31
C PHE A 73 25.21 -3.54 18.40
N GLU A 74 26.32 -3.98 18.97
CA GLU A 74 27.50 -4.29 18.17
C GLU A 74 27.43 -5.75 17.72
N LEU A 75 27.47 -5.98 16.41
CA LEU A 75 27.52 -7.33 15.88
C LEU A 75 28.93 -7.90 16.01
N GLN A 76 29.03 -9.23 15.94
CA GLN A 76 30.34 -9.85 16.01
C GLN A 76 31.26 -9.35 14.91
N ASN A 77 30.70 -8.96 13.76
CA ASN A 77 31.55 -8.51 12.66
C ASN A 77 32.03 -7.07 12.85
N GLY A 78 31.78 -6.46 14.01
CA GLY A 78 32.25 -5.11 14.30
C GLY A 78 31.34 -4.00 13.79
N ASN A 79 30.31 -4.33 13.03
CA ASN A 79 29.34 -3.34 12.60
C ASN A 79 28.16 -3.36 13.57
N PHE A 80 27.10 -2.63 13.24
CA PHE A 80 26.08 -2.36 14.23
C PHE A 80 24.69 -2.67 13.71
N MET A 81 23.81 -3.01 14.65
CA MET A 81 22.38 -3.14 14.44
C MET A 81 21.70 -2.08 15.29
N VAL A 82 20.73 -1.38 14.70
CA VAL A 82 20.06 -0.25 15.35
C VAL A 82 18.59 -0.60 15.49
N ASP A 83 18.11 -0.61 16.73
CA ASP A 83 16.71 -0.90 17.03
C ASP A 83 15.98 0.42 17.28
N LEU A 84 15.11 0.78 16.35
CA LEU A 84 14.41 2.05 16.49
C LEU A 84 13.05 1.84 17.17
N PRO A 85 12.61 2.78 18.00
CA PRO A 85 11.39 2.56 18.78
C PRO A 85 10.19 2.34 17.87
N GLY A 86 9.32 1.42 18.28
CA GLY A 86 8.16 1.09 17.46
C GLY A 86 7.25 2.29 17.30
N TYR A 87 6.70 2.44 16.10
CA TYR A 87 5.81 3.54 15.79
C TYR A 87 4.35 3.12 15.96
N GLY A 88 3.47 4.13 16.01
CA GLY A 88 2.06 3.89 16.17
C GLY A 88 1.63 3.38 17.53
N TYR A 89 2.44 3.62 18.57
CA TYR A 89 2.11 3.08 19.90
C TYR A 89 0.88 3.79 20.44
N ALA A 90 -0.22 3.05 20.58
CA ALA A 90 -1.50 3.66 20.96
C ALA A 90 -1.50 4.25 22.35
N GLN A 91 -0.57 3.85 23.22
CA GLN A 91 -0.59 4.31 24.61
C GLN A 91 -0.08 5.74 24.77
N VAL A 92 0.67 6.27 23.79
CA VAL A 92 1.27 7.59 23.98
C VAL A 92 0.51 8.63 23.16
N PRO A 93 0.64 9.91 23.49
CA PRO A 93 -0.17 10.94 22.83
C PRO A 93 0.16 11.04 21.35
N GLU A 94 -0.82 11.53 20.59
CA GLU A 94 -0.64 11.69 19.15
C GLU A 94 0.58 12.53 18.82
N ALA A 95 0.83 13.59 19.60
CA ALA A 95 1.95 14.47 19.31
C ALA A 95 3.29 13.76 19.51
N VAL A 96 3.38 12.88 20.50
CA VAL A 96 4.62 12.12 20.69
C VAL A 96 4.80 11.10 19.57
N ARG A 97 3.71 10.45 19.15
CA ARG A 97 3.80 9.51 18.03
C ARG A 97 4.24 10.22 16.76
N ALA A 98 3.69 11.39 16.51
CA ALA A 98 4.04 12.12 15.29
C ALA A 98 5.49 12.58 15.32
N HIS A 99 5.94 13.05 16.49
CA HIS A 99 7.34 13.44 16.64
C HIS A 99 8.28 12.29 16.27
N TRP A 100 7.99 11.09 16.77
CA TRP A 100 8.89 9.98 16.47
C TRP A 100 8.78 9.51 15.04
N VAL A 101 7.60 9.64 14.42
CA VAL A 101 7.54 9.35 12.99
C VAL A 101 8.48 10.26 12.22
N ASN A 102 8.49 11.55 12.55
CA ASN A 102 9.38 12.50 11.87
C ASN A 102 10.84 12.16 12.13
N LEU A 103 11.18 11.81 13.38
CA LEU A 103 12.57 11.49 13.68
C LEU A 103 13.01 10.21 12.98
N LEU A 104 12.15 9.20 12.96
CA LEU A 104 12.47 7.97 12.24
CA LEU A 104 12.46 7.98 12.23
C LEU A 104 12.69 8.25 10.75
N GLY A 105 11.83 9.09 10.16
CA GLY A 105 11.99 9.40 8.75
C GLY A 105 13.27 10.15 8.45
N ASP A 106 13.67 11.03 9.37
CA ASP A 106 14.93 11.74 9.26
C ASP A 106 16.08 10.76 9.24
N TYR A 107 16.10 9.85 10.21
CA TYR A 107 17.15 8.83 10.28
C TYR A 107 17.18 7.98 9.01
N LEU A 108 16.02 7.46 8.60
CA LEU A 108 15.99 6.55 7.46
C LEU A 108 16.46 7.26 6.20
N ARG A 109 16.07 8.51 6.02
CA ARG A 109 16.40 9.20 4.78
C ARG A 109 17.86 9.63 4.74
N HIS A 110 18.49 9.90 5.89
CA HIS A 110 19.75 10.64 5.92
C HIS A 110 20.93 9.92 6.52
N ARG A 111 20.73 8.82 7.25
CA ARG A 111 21.83 8.13 7.91
C ARG A 111 22.79 7.56 6.87
N LYS A 112 24.00 8.09 6.77
CA LYS A 112 24.85 7.74 5.64
C LYS A 112 25.35 6.29 5.70
N GLN A 113 25.61 5.76 6.90
CA GLN A 113 26.20 4.42 7.00
C GLN A 113 25.14 3.32 7.16
N LEU A 114 23.86 3.65 6.95
CA LEU A 114 22.78 2.69 7.01
C LEU A 114 22.71 1.93 5.69
N ILE A 115 23.01 0.63 5.71
CA ILE A 115 23.12 -0.13 4.46
C ILE A 115 21.92 -1.00 4.16
N GLY A 116 20.96 -1.10 5.07
CA GLY A 116 19.79 -1.93 4.82
C GLY A 116 18.80 -1.80 5.96
N LEU A 117 17.56 -2.14 5.66
CA LEU A 117 16.46 -1.99 6.61
C LEU A 117 15.76 -3.33 6.80
N VAL A 118 15.55 -3.72 8.05
CA VAL A 118 14.69 -4.84 8.40
C VAL A 118 13.39 -4.27 8.93
N LEU A 119 12.30 -4.51 8.20
CA LEU A 119 10.98 -4.02 8.56
C LEU A 119 10.19 -5.21 9.12
N ILE A 120 9.78 -5.11 10.38
CA ILE A 120 9.03 -6.16 11.04
C ILE A 120 7.56 -5.79 11.03
N MET A 121 6.70 -6.69 10.53
CA MET A 121 5.27 -6.44 10.49
C MET A 121 4.53 -7.68 10.98
N ASP A 122 3.58 -7.48 11.88
CA ASP A 122 2.66 -8.54 12.31
C ASP A 122 2.03 -9.19 11.09
N ALA A 123 2.25 -10.51 10.93
CA ALA A 123 1.74 -11.21 9.76
C ALA A 123 0.22 -11.13 9.66
N ARG A 124 -0.46 -10.93 10.80
CA ARG A 124 -1.91 -10.86 10.78
C ARG A 124 -2.41 -9.54 10.19
N HIS A 125 -1.66 -8.45 10.33
CA HIS A 125 -2.08 -7.13 9.84
C HIS A 125 -0.91 -6.38 9.22
N PRO A 126 -0.37 -6.87 8.11
CA PRO A 126 0.81 -6.21 7.54
C PRO A 126 0.43 -5.00 6.71
N LEU A 127 1.46 -4.16 6.47
CA LEU A 127 1.38 -3.04 5.53
C LEU A 127 0.25 -2.08 5.88
N LYS A 128 0.30 -1.59 7.12
CA LYS A 128 -0.51 -0.46 7.53
C LYS A 128 0.10 0.83 6.97
N GLU A 129 -0.67 1.92 7.05
CA GLU A 129 -0.19 3.19 6.49
C GLU A 129 1.19 3.58 7.00
N LEU A 130 1.43 3.41 8.31
CA LEU A 130 2.74 3.81 8.82
C LEU A 130 3.87 2.90 8.32
N ASP A 131 3.57 1.63 8.02
CA ASP A 131 4.58 0.78 7.39
C ASP A 131 4.96 1.35 6.03
N ILE A 132 3.94 1.73 5.24
CA ILE A 132 4.20 2.37 3.96
C ILE A 132 5.02 3.63 4.14
N ARG A 133 4.67 4.42 5.15
CA ARG A 133 5.40 5.67 5.38
C ARG A 133 6.88 5.40 5.61
N MET A 134 7.22 4.36 6.37
CA MET A 134 8.63 4.06 6.62
C MET A 134 9.33 3.60 5.34
N LEU A 135 8.66 2.75 4.55
CA LEU A 135 9.24 2.35 3.27
C LEU A 135 9.47 3.56 2.38
N ASP A 136 8.55 4.53 2.41
CA ASP A 136 8.72 5.72 1.59
C ASP A 136 9.90 6.57 2.07
N PHE A 137 10.07 6.69 3.39
CA PHE A 137 11.21 7.44 3.90
C PHE A 137 12.53 6.83 3.39
N PHE A 138 12.62 5.51 3.36
CA PHE A 138 13.86 4.81 3.01
C PHE A 138 14.05 4.61 1.51
N HIS A 139 12.99 4.77 0.71
CA HIS A 139 13.03 4.37 -0.70
C HIS A 139 14.08 5.15 -1.48
N THR A 140 14.26 6.44 -1.17
CA THR A 140 15.20 7.26 -1.92
C THR A 140 16.65 6.82 -1.76
N THR A 141 16.96 6.01 -0.75
CA THR A 141 18.33 5.53 -0.58
C THR A 141 18.70 4.45 -1.60
N GLY A 142 17.73 3.77 -2.19
CA GLY A 142 18.03 2.64 -3.03
C GLY A 142 18.58 1.43 -2.30
N ARG A 143 18.60 1.44 -0.96
CA ARG A 143 19.17 0.36 -0.18
C ARG A 143 18.17 -0.79 -0.02
N PRO A 144 18.64 -2.01 0.28
CA PRO A 144 17.72 -3.14 0.39
C PRO A 144 16.87 -3.09 1.64
N VAL A 145 15.69 -3.68 1.54
CA VAL A 145 14.78 -3.84 2.66
C VAL A 145 14.42 -5.31 2.72
N HIS A 146 14.51 -5.88 3.92
CA HIS A 146 14.09 -7.25 4.19
C HIS A 146 12.93 -7.20 5.19
N ILE A 147 11.81 -7.82 4.82
CA ILE A 147 10.62 -7.80 5.66
C ILE A 147 10.53 -9.12 6.41
N LEU A 148 10.28 -9.03 7.72
CA LEU A 148 9.90 -10.17 8.54
C LEU A 148 8.40 -10.07 8.82
N LEU A 149 7.64 -11.02 8.31
CA LEU A 149 6.21 -11.11 8.66
C LEU A 149 6.15 -11.94 9.93
N SER A 150 6.10 -11.26 11.07
CA SER A 150 6.30 -11.85 12.38
C SER A 150 5.00 -12.45 12.93
N LYS A 151 5.16 -13.21 14.02
CA LYS A 151 4.04 -13.95 14.64
C LYS A 151 3.37 -14.86 13.63
N ALA A 152 4.13 -15.40 12.67
CA ALA A 152 3.54 -16.22 11.63
C ALA A 152 2.85 -17.45 12.22
N ASP A 153 3.29 -17.90 13.40
CA ASP A 153 2.68 -19.06 14.06
C ASP A 153 1.23 -18.83 14.44
N LYS A 154 0.76 -17.59 14.45
CA LYS A 154 -0.64 -17.29 14.76
C LYS A 154 -1.57 -17.43 13.56
N LEU A 155 -1.03 -17.75 12.38
CA LEU A 155 -1.80 -17.97 11.17
C LEU A 155 -1.70 -19.44 10.76
N SER A 156 -2.74 -19.95 10.09
CA SER A 156 -2.63 -21.28 9.51
C SER A 156 -1.58 -21.27 8.41
N LYS A 157 -1.10 -22.46 8.04
CA LYS A 157 -0.08 -22.53 6.99
C LYS A 157 -0.58 -21.86 5.71
N ASN A 158 -1.83 -22.10 5.33
CA ASN A 158 -2.35 -21.48 4.11
C ASN A 158 -2.50 -19.98 4.27
N GLU A 159 -2.91 -19.52 5.45
CA GLU A 159 -3.00 -18.08 5.69
C GLU A 159 -1.62 -17.44 5.64
N GLN A 160 -0.60 -18.12 6.15
CA GLN A 160 0.77 -17.60 6.09
C GLN A 160 1.22 -17.41 4.64
N ILE A 161 0.98 -18.42 3.81
CA ILE A 161 1.39 -18.31 2.40
C ILE A 161 0.59 -17.22 1.69
N LYS A 162 -0.72 -17.17 1.90
CA LYS A 162 -1.52 -16.12 1.27
C LYS A 162 -1.05 -14.73 1.66
N THR A 163 -0.69 -14.54 2.94
CA THR A 163 -0.21 -13.23 3.37
C THR A 163 1.13 -12.90 2.73
N LEU A 164 2.03 -13.89 2.68
CA LEU A 164 3.27 -13.74 1.92
CA LEU A 164 3.27 -13.74 1.93
C LEU A 164 2.99 -13.24 0.52
N SER A 165 2.05 -13.88 -0.18
CA SER A 165 1.74 -13.50 -1.55
CA SER A 165 1.74 -13.50 -1.55
C SER A 165 1.22 -12.07 -1.63
N GLN A 166 0.28 -11.72 -0.76
CA GLN A 166 -0.32 -10.39 -0.87
C GLN A 166 0.68 -9.29 -0.53
N VAL A 167 1.51 -9.50 0.49
CA VAL A 167 2.53 -8.49 0.83
C VAL A 167 3.51 -8.33 -0.32
N LYS A 168 3.97 -9.44 -0.91
CA LYS A 168 4.92 -9.33 -2.01
C LYS A 168 4.31 -8.57 -3.19
N LYS A 169 3.04 -8.86 -3.53
CA LYS A 169 2.40 -8.12 -4.60
C LYS A 169 2.32 -6.64 -4.29
N LEU A 170 1.96 -6.30 -3.06
CA LEU A 170 1.76 -4.89 -2.73
C LEU A 170 3.08 -4.14 -2.62
N LEU A 171 4.21 -4.85 -2.47
CA LEU A 171 5.51 -4.19 -2.39
C LEU A 171 6.25 -4.12 -3.72
N LYS A 172 5.71 -4.75 -4.76
CA LYS A 172 6.39 -4.76 -6.06
C LYS A 172 6.71 -3.36 -6.58
N PRO A 173 5.90 -2.32 -6.33
CA PRO A 173 6.29 -0.99 -6.83
C PRO A 173 7.63 -0.51 -6.31
N TYR A 174 8.04 -0.93 -5.11
CA TYR A 174 9.32 -0.49 -4.57
C TYR A 174 10.50 -1.18 -5.25
N SER A 175 10.27 -2.23 -6.03
CA SER A 175 11.38 -2.92 -6.68
C SER A 175 11.97 -2.12 -7.84
N ASP A 176 11.36 -1.00 -8.21
CA ASP A 176 11.94 -0.17 -9.27
C ASP A 176 13.29 0.39 -8.86
N ARG A 177 13.51 0.61 -7.56
CA ARG A 177 14.73 1.24 -7.10
C ARG A 177 15.40 0.49 -5.95
N GLN A 178 14.79 -0.58 -5.43
CA GLN A 178 15.34 -1.28 -4.27
C GLN A 178 15.14 -2.78 -4.40
N ASN A 179 16.05 -3.55 -3.80
CA ASN A 179 15.88 -4.98 -3.65
CA ASN A 179 15.87 -4.98 -3.65
C ASN A 179 15.04 -5.22 -2.40
N ILE A 180 13.81 -5.67 -2.57
CA ILE A 180 12.88 -5.93 -1.48
C ILE A 180 12.72 -7.43 -1.35
N SER A 181 12.92 -7.95 -0.14
CA SER A 181 12.74 -9.36 0.12
C SER A 181 11.80 -9.54 1.32
N VAL A 182 11.09 -10.66 1.35
CA VAL A 182 10.04 -10.87 2.34
C VAL A 182 10.09 -12.32 2.81
N GLN A 183 9.94 -12.52 4.12
CA GLN A 183 9.83 -13.88 4.65
C GLN A 183 8.83 -13.92 5.81
N LEU A 184 8.33 -15.13 6.07
CA LEU A 184 7.63 -15.42 7.31
C LEU A 184 8.62 -15.61 8.45
N PHE A 185 8.21 -15.22 9.66
CA PHE A 185 9.08 -15.29 10.82
C PHE A 185 8.25 -15.62 12.05
N SER A 186 8.80 -16.44 12.95
CA SER A 186 8.17 -16.67 14.25
C SER A 186 9.25 -16.75 15.31
N SER A 187 9.28 -15.76 16.20
CA SER A 187 10.15 -15.82 17.36
C SER A 187 9.78 -17.01 18.23
N LEU A 188 8.48 -17.21 18.43
CA LEU A 188 8.02 -18.26 19.33
C LEU A 188 8.50 -19.64 18.89
N LYS A 189 8.33 -19.95 17.62
CA LYS A 189 8.69 -21.27 17.09
C LYS A 189 10.08 -21.30 16.47
N LYS A 190 10.86 -20.24 16.62
CA LYS A 190 12.20 -20.13 16.03
C LYS A 190 12.17 -20.44 14.54
N GLN A 191 11.23 -19.81 13.84
CA GLN A 191 11.03 -20.01 12.42
C GLN A 191 11.56 -18.81 11.65
N GLY A 192 12.42 -19.06 10.67
CA GLY A 192 12.89 -18.01 9.77
C GLY A 192 14.23 -17.42 10.13
N ILE A 193 14.94 -17.99 11.09
CA ILE A 193 16.17 -17.38 11.59
C ILE A 193 17.26 -17.43 10.54
N ASP A 194 17.40 -18.57 9.86
CA ASP A 194 18.50 -18.73 8.91
C ASP A 194 18.42 -17.69 7.79
N GLU A 195 17.23 -17.53 7.18
CA GLU A 195 17.11 -16.60 6.06
C GLU A 195 17.38 -15.17 6.50
N ALA A 196 16.94 -14.81 7.70
CA ALA A 196 17.17 -13.46 8.19
C ALA A 196 18.65 -13.18 8.34
N ASN A 197 19.39 -14.14 8.92
CA ASN A 197 20.84 -14.04 9.02
C ASN A 197 21.50 -13.98 7.65
N ARG A 198 21.09 -14.86 6.72
CA ARG A 198 21.74 -14.91 5.42
C ARG A 198 21.50 -13.64 4.63
N THR A 199 20.29 -13.08 4.70
CA THR A 199 19.97 -11.91 3.90
C THR A 199 20.71 -10.68 4.38
N VAL A 200 20.62 -10.37 5.68
CA VAL A 200 21.31 -9.20 6.21
C VAL A 200 22.82 -9.40 6.13
N GLY A 201 23.28 -10.65 6.32
CA GLY A 201 24.69 -10.93 6.17
C GLY A 201 25.19 -10.59 4.77
N SER A 202 24.38 -10.87 3.75
CA SER A 202 24.79 -10.57 2.38
C SER A 202 25.01 -9.07 2.18
N TRP A 203 24.24 -8.23 2.89
CA TRP A 203 24.43 -6.80 2.77
C TRP A 203 25.80 -6.37 3.28
N PHE A 204 26.22 -6.95 4.41
CA PHE A 204 27.54 -6.63 4.94
C PHE A 204 28.64 -7.19 4.03
N ASP A 205 28.42 -8.37 3.47
CA ASP A 205 29.36 -8.91 2.50
C ASP A 205 29.53 -7.98 1.32
N ALA A 206 28.42 -7.45 0.80
CA ALA A 206 28.46 -6.57 -0.36
C ALA A 206 29.14 -5.24 -0.02
N ALA A 207 28.89 -4.72 1.18
CA ALA A 207 29.64 -3.56 1.63
C ALA A 207 31.14 -3.84 1.74
N ASP A 208 31.55 -5.09 1.48
CA ASP A 208 32.92 -5.57 1.42
C ASP A 208 33.48 -5.87 2.80
N ALA A 209 32.84 -5.33 3.84
CA ALA A 209 33.28 -5.56 5.22
C ALA A 209 32.28 -5.04 6.22
N ASN B 10 -25.58 15.56 -11.53
CA ASN B 10 -25.24 16.79 -12.25
C ASN B 10 -23.73 16.97 -12.41
N LEU B 11 -22.96 16.51 -11.41
CA LEU B 11 -21.52 16.74 -11.40
C LEU B 11 -20.85 16.22 -12.67
N PHE B 12 -21.20 15.00 -13.08
CA PHE B 12 -20.56 14.42 -14.25
C PHE B 12 -21.07 15.02 -15.55
N GLN B 13 -22.30 15.53 -15.55
CA GLN B 13 -22.85 16.12 -16.77
C GLN B 13 -22.04 17.34 -17.21
N ASN B 14 -21.39 18.01 -16.27
CA ASN B 14 -20.57 19.18 -16.58
C ASN B 14 -19.14 18.84 -16.97
N ALA B 15 -18.76 17.55 -16.95
CA ALA B 15 -17.37 17.18 -17.25
C ALA B 15 -17.03 17.50 -18.70
N LYS B 16 -15.83 18.02 -18.92
CA LYS B 16 -15.32 18.30 -20.26
C LYS B 16 -13.95 17.67 -20.40
N PHE B 17 -13.70 16.95 -21.49
CA PHE B 17 -12.38 16.37 -21.69
C PHE B 17 -11.36 17.49 -21.74
N PHE B 18 -10.28 17.31 -20.99
CA PHE B 18 -9.28 18.36 -20.83
C PHE B 18 -7.96 18.01 -21.49
N THR B 19 -7.37 16.85 -21.15
CA THR B 19 -6.08 16.49 -21.73
C THR B 19 -5.83 15.00 -21.50
N THR B 20 -4.92 14.45 -22.30
CA THR B 20 -4.48 13.07 -22.21
C THR B 20 -2.97 13.07 -21.94
N VAL B 21 -2.51 12.20 -21.05
CA VAL B 21 -1.09 12.05 -20.82
C VAL B 21 -0.73 10.58 -20.97
N ASN B 22 0.49 10.32 -21.42
CA ASN B 22 0.87 8.94 -21.74
C ASN B 22 1.45 8.19 -20.57
N HIS B 23 2.10 8.88 -19.62
CA HIS B 23 2.79 8.20 -18.53
C HIS B 23 2.41 8.82 -17.20
N LEU B 24 2.26 8.00 -16.18
CA LEU B 24 1.95 8.52 -14.85
C LEU B 24 3.00 9.53 -14.39
N LYS B 25 4.25 9.36 -14.82
CA LYS B 25 5.29 10.32 -14.46
C LYS B 25 4.93 11.74 -14.87
N ASP B 26 4.11 11.91 -15.89
CA ASP B 26 3.80 13.22 -16.44
C ASP B 26 2.44 13.75 -15.98
N LEU B 27 1.95 13.31 -14.82
CA LEU B 27 0.63 13.77 -14.39
C LEU B 27 0.66 15.26 -14.05
N PRO B 28 -0.36 16.01 -14.45
CA PRO B 28 -0.42 17.42 -14.05
C PRO B 28 -0.77 17.53 -12.57
N ASP B 29 -0.54 18.72 -12.02
CA ASP B 29 -0.75 18.98 -10.59
C ASP B 29 -2.16 19.51 -10.36
N THR B 30 -3.13 18.59 -10.37
CA THR B 30 -4.53 18.96 -10.20
C THR B 30 -4.80 19.45 -8.78
N PRO B 31 -5.77 20.36 -8.60
CA PRO B 31 -6.15 20.75 -7.23
C PRO B 31 -6.68 19.59 -6.42
N LEU B 32 -7.59 18.81 -7.01
CA LEU B 32 -8.27 17.67 -6.41
C LEU B 32 -8.71 16.78 -7.55
N GLU B 33 -8.69 15.48 -7.34
CA GLU B 33 -9.20 14.61 -8.40
C GLU B 33 -9.81 13.36 -7.82
N ILE B 34 -10.70 12.75 -8.60
CA ILE B 34 -11.15 11.38 -8.37
C ILE B 34 -10.68 10.54 -9.53
N ALA B 35 -10.47 9.25 -9.27
CA ALA B 35 -9.98 8.34 -10.30
C ALA B 35 -11.06 7.32 -10.63
N PHE B 36 -11.16 6.96 -11.92
CA PHE B 36 -11.91 5.80 -12.41
C PHE B 36 -10.92 4.70 -12.76
N VAL B 37 -11.09 3.52 -12.17
CA VAL B 37 -10.26 2.36 -12.48
C VAL B 37 -11.16 1.14 -12.63
N GLY B 38 -10.65 0.15 -13.35
CA GLY B 38 -11.37 -1.09 -13.50
C GLY B 38 -10.63 -2.04 -14.43
N ARG B 39 -11.10 -3.28 -14.45
CA ARG B 39 -10.47 -4.28 -15.31
C ARG B 39 -10.68 -3.99 -16.79
N SER B 40 -11.85 -3.46 -17.17
CA SER B 40 -12.30 -3.46 -18.56
CA SER B 40 -12.28 -3.46 -18.56
C SER B 40 -12.40 -2.04 -19.10
N ASN B 41 -11.66 -1.75 -20.17
CA ASN B 41 -11.75 -0.42 -20.77
C ASN B 41 -13.14 -0.15 -21.32
N ALA B 42 -13.75 -1.13 -21.99
CA ALA B 42 -15.05 -0.93 -22.63
C ALA B 42 -16.11 -0.61 -21.59
N GLY B 43 -16.15 -1.40 -20.50
CA GLY B 43 -17.10 -1.13 -19.43
C GLY B 43 -16.88 0.20 -18.75
N LYS B 44 -15.61 0.53 -18.49
CA LYS B 44 -15.29 1.81 -17.87
C LYS B 44 -15.58 2.98 -18.81
N SER B 45 -15.25 2.86 -20.10
CA SER B 45 -15.57 3.92 -21.05
C SER B 45 -17.07 4.12 -21.17
N SER B 46 -17.82 3.02 -21.23
CA SER B 46 -19.27 3.13 -21.33
C SER B 46 -19.86 3.84 -20.12
N ALA B 47 -19.38 3.49 -18.91
CA ALA B 47 -19.86 4.16 -17.72
C ALA B 47 -19.59 5.65 -17.77
N ILE B 48 -18.36 6.03 -18.16
CA ILE B 48 -18.01 7.45 -18.22
C ILE B 48 -18.86 8.16 -19.25
N ASN B 49 -19.06 7.54 -20.42
CA ASN B 49 -19.92 8.13 -21.44
C ASN B 49 -21.35 8.28 -20.93
N THR B 50 -21.85 7.27 -20.22
CA THR B 50 -23.20 7.37 -19.66
C THR B 50 -23.30 8.49 -18.64
N LEU B 51 -22.27 8.65 -17.80
CA LEU B 51 -22.31 9.66 -16.75
C LEU B 51 -22.15 11.07 -17.30
N THR B 52 -21.33 11.23 -18.34
CA THR B 52 -21.04 12.54 -18.90
C THR B 52 -21.91 12.88 -20.10
N ASN B 53 -22.73 11.94 -20.57
CA ASN B 53 -23.50 12.07 -21.80
C ASN B 53 -22.61 12.47 -22.97
N THR B 67 -5.74 2.38 -28.48
CA THR B 67 -4.73 2.58 -27.44
C THR B 67 -5.24 3.52 -26.34
N GLN B 68 -5.55 2.95 -25.18
CA GLN B 68 -6.08 3.72 -24.06
C GLN B 68 -4.95 4.37 -23.28
N HIS B 69 -5.14 5.64 -22.94
CA HIS B 69 -4.15 6.38 -22.16
C HIS B 69 -4.87 7.03 -20.99
N ILE B 70 -4.19 7.96 -20.33
CA ILE B 70 -4.65 8.57 -19.09
C ILE B 70 -5.41 9.85 -19.45
N ASN B 71 -6.73 9.86 -19.22
CA ASN B 71 -7.57 10.97 -19.68
C ASN B 71 -8.04 11.81 -18.49
N PHE B 72 -7.81 13.12 -18.57
CA PHE B 72 -8.29 14.05 -17.55
C PHE B 72 -9.53 14.78 -18.06
N PHE B 73 -10.58 14.79 -17.23
CA PHE B 73 -11.80 15.55 -17.48
C PHE B 73 -11.93 16.65 -16.44
N GLU B 74 -12.20 17.86 -16.90
CA GLU B 74 -12.37 19.01 -16.03
C GLU B 74 -13.79 19.03 -15.47
N LEU B 75 -13.90 19.13 -14.16
CA LEU B 75 -15.17 19.34 -13.49
C LEU B 75 -15.26 20.81 -13.09
N GLN B 76 -16.32 21.15 -12.37
CA GLN B 76 -16.48 22.53 -11.93
C GLN B 76 -15.46 22.86 -10.84
N ASN B 77 -15.14 24.15 -10.71
CA ASN B 77 -14.30 24.67 -9.63
C ASN B 77 -12.87 24.10 -9.70
N GLY B 78 -12.41 23.79 -10.91
CA GLY B 78 -11.05 23.36 -11.08
C GLY B 78 -10.72 21.99 -10.56
N ASN B 79 -11.73 21.18 -10.28
CA ASN B 79 -11.50 19.79 -9.87
C ASN B 79 -11.49 18.88 -11.10
N PHE B 80 -10.99 17.66 -10.91
CA PHE B 80 -10.76 16.80 -12.06
C PHE B 80 -11.19 15.38 -11.78
N MET B 81 -11.54 14.67 -12.85
CA MET B 81 -11.65 13.23 -12.80
CA MET B 81 -11.67 13.23 -12.82
C MET B 81 -10.65 12.64 -13.80
N VAL B 82 -10.06 11.53 -13.42
CA VAL B 82 -9.00 10.89 -14.20
C VAL B 82 -9.46 9.50 -14.56
N ASP B 83 -9.42 9.17 -15.84
CA ASP B 83 -9.74 7.84 -16.32
C ASP B 83 -8.43 7.10 -16.59
N LEU B 84 -8.16 6.04 -15.81
CA LEU B 84 -6.88 5.37 -16.02
C LEU B 84 -7.08 4.06 -16.78
N PRO B 85 -6.13 3.72 -17.65
CA PRO B 85 -6.24 2.48 -18.44
C PRO B 85 -6.55 1.26 -17.58
N GLY B 86 -7.43 0.41 -18.11
CA GLY B 86 -7.83 -0.79 -17.39
C GLY B 86 -6.67 -1.73 -17.13
N TYR B 87 -6.85 -2.59 -16.13
CA TYR B 87 -5.80 -3.54 -15.77
C TYR B 87 -6.15 -4.98 -16.13
N GLY B 88 -7.26 -5.22 -16.83
CA GLY B 88 -7.57 -6.57 -17.29
C GLY B 88 -6.71 -7.02 -18.47
N TYR B 89 -6.86 -8.29 -18.84
CA TYR B 89 -6.15 -8.83 -20.01
C TYR B 89 -6.53 -8.05 -21.26
N ALA B 90 -5.50 -7.62 -22.01
CA ALA B 90 -5.59 -6.93 -23.29
C ALA B 90 -5.89 -5.44 -23.14
N GLN B 91 -6.17 -4.94 -21.94
CA GLN B 91 -6.54 -3.54 -21.80
C GLN B 91 -5.32 -2.63 -21.92
N VAL B 92 -4.15 -3.15 -21.57
CA VAL B 92 -2.85 -2.63 -22.01
C VAL B 92 -2.09 -3.82 -22.57
N PRO B 93 -1.08 -3.60 -23.42
CA PRO B 93 -0.35 -4.73 -24.01
C PRO B 93 0.14 -5.70 -22.93
N GLU B 94 0.04 -7.00 -23.23
CA GLU B 94 0.32 -8.00 -22.21
C GLU B 94 1.77 -7.95 -21.72
N ALA B 95 2.71 -7.60 -22.60
CA ALA B 95 4.11 -7.53 -22.23
C ALA B 95 4.37 -6.53 -21.10
N VAL B 96 3.52 -5.51 -20.92
CA VAL B 96 3.77 -4.48 -19.94
C VAL B 96 2.67 -4.39 -18.89
N ARG B 97 1.78 -5.39 -18.82
CA ARG B 97 0.62 -5.25 -17.94
C ARG B 97 1.01 -5.40 -16.48
N ALA B 98 1.95 -6.28 -16.18
CA ALA B 98 2.43 -6.40 -14.80
C ALA B 98 2.99 -5.08 -14.32
N HIS B 99 3.82 -4.43 -15.14
CA HIS B 99 4.37 -3.14 -14.78
C HIS B 99 3.28 -2.10 -14.60
N TRP B 100 2.26 -2.12 -15.47
CA TRP B 100 1.15 -1.18 -15.33
C TRP B 100 0.41 -1.37 -14.02
N VAL B 101 0.17 -2.63 -13.61
CA VAL B 101 -0.51 -2.89 -12.34
C VAL B 101 0.27 -2.25 -11.18
N ASN B 102 1.58 -2.39 -11.19
CA ASN B 102 2.41 -1.78 -10.15
C ASN B 102 2.35 -0.24 -10.20
N LEU B 103 2.42 0.34 -11.39
CA LEU B 103 2.35 1.80 -11.52
C LEU B 103 1.00 2.33 -11.05
N LEU B 104 -0.08 1.67 -11.47
CA LEU B 104 -1.41 2.10 -11.05
C LEU B 104 -1.59 1.93 -9.55
N GLY B 105 -1.14 0.80 -9.02
CA GLY B 105 -1.18 0.60 -7.58
C GLY B 105 -0.43 1.68 -6.82
N ASP B 106 0.75 2.05 -7.31
CA ASP B 106 1.50 3.13 -6.67
C ASP B 106 0.77 4.47 -6.75
N TYR B 107 0.12 4.76 -7.88
CA TYR B 107 -0.69 5.96 -7.99
C TYR B 107 -1.81 5.98 -6.95
N LEU B 108 -2.53 4.88 -6.80
CA LEU B 108 -3.56 4.83 -5.76
C LEU B 108 -2.96 5.07 -4.36
N ARG B 109 -1.82 4.45 -4.09
CA ARG B 109 -1.21 4.58 -2.76
C ARG B 109 -0.71 6.00 -2.49
N HIS B 110 -0.24 6.70 -3.52
CA HIS B 110 0.60 7.88 -3.30
C HIS B 110 0.09 9.19 -3.89
N ARG B 111 -0.91 9.18 -4.77
CA ARG B 111 -1.35 10.43 -5.40
C ARG B 111 -1.99 11.32 -4.35
N LYS B 112 -1.34 12.45 -4.03
CA LYS B 112 -1.75 13.21 -2.84
C LYS B 112 -3.12 13.86 -2.99
N GLN B 113 -3.50 14.28 -4.20
CA GLN B 113 -4.74 15.01 -4.39
C GLN B 113 -5.89 14.11 -4.80
N LEU B 114 -5.70 12.80 -4.73
CA LEU B 114 -6.75 11.83 -5.03
C LEU B 114 -7.67 11.74 -3.82
N ILE B 115 -8.94 12.17 -3.97
CA ILE B 115 -9.83 12.23 -2.83
C ILE B 115 -10.84 11.08 -2.80
N GLY B 116 -10.93 10.29 -3.86
CA GLY B 116 -11.85 9.17 -3.89
C GLY B 116 -11.63 8.34 -5.12
N LEU B 117 -12.08 7.09 -5.05
CA LEU B 117 -11.86 6.11 -6.11
C LEU B 117 -13.20 5.58 -6.58
N VAL B 118 -13.42 5.60 -7.90
CA VAL B 118 -14.57 4.96 -8.51
C VAL B 118 -14.05 3.69 -9.16
N LEU B 119 -14.45 2.56 -8.62
CA LEU B 119 -13.97 1.26 -9.09
C LEU B 119 -15.11 0.60 -9.86
N ILE B 120 -14.88 0.28 -11.13
CA ILE B 120 -15.89 -0.34 -11.99
C ILE B 120 -15.59 -1.82 -12.09
N MET B 121 -16.59 -2.66 -11.78
CA MET B 121 -16.46 -4.11 -11.88
C MET B 121 -17.72 -4.70 -12.49
N ASP B 122 -17.53 -5.63 -13.41
CA ASP B 122 -18.63 -6.37 -14.00
C ASP B 122 -19.46 -7.03 -12.90
N ALA B 123 -20.76 -6.75 -12.88
CA ALA B 123 -21.63 -7.28 -11.82
C ALA B 123 -21.66 -8.81 -11.84
N ARG B 124 -21.38 -9.43 -12.98
CA ARG B 124 -21.39 -10.88 -13.02
C ARG B 124 -20.17 -11.51 -12.37
N HIS B 125 -19.05 -10.77 -12.24
CA HIS B 125 -17.79 -11.33 -11.72
C HIS B 125 -17.08 -10.30 -10.85
N PRO B 126 -17.69 -9.90 -9.75
CA PRO B 126 -17.08 -8.84 -8.94
C PRO B 126 -15.90 -9.34 -8.13
N LEU B 127 -15.03 -8.39 -7.76
CA LEU B 127 -13.94 -8.59 -6.81
C LEU B 127 -13.02 -9.74 -7.23
N LYS B 128 -12.51 -9.65 -8.44
CA LYS B 128 -11.45 -10.54 -8.87
C LYS B 128 -10.15 -10.12 -8.18
N GLU B 129 -9.09 -10.91 -8.39
CA GLU B 129 -7.87 -10.67 -7.61
C GLU B 129 -7.33 -9.26 -7.81
N LEU B 130 -7.29 -8.78 -9.05
CA LEU B 130 -6.71 -7.45 -9.28
C LEU B 130 -7.60 -6.35 -8.75
N ASP B 131 -8.92 -6.56 -8.73
CA ASP B 131 -9.81 -5.59 -8.06
C ASP B 131 -9.43 -5.47 -6.60
N ILE B 132 -9.26 -6.60 -5.93
CA ILE B 132 -8.89 -6.56 -4.52
CA ILE B 132 -8.88 -6.58 -4.51
C ILE B 132 -7.51 -5.95 -4.34
N ARG B 133 -6.57 -6.25 -5.26
CA ARG B 133 -5.24 -5.67 -5.11
C ARG B 133 -5.31 -4.15 -5.19
N MET B 134 -6.14 -3.63 -6.11
CA MET B 134 -6.27 -2.19 -6.23
C MET B 134 -6.91 -1.60 -4.97
N LEU B 135 -7.92 -2.28 -4.40
CA LEU B 135 -8.50 -1.81 -3.14
C LEU B 135 -7.44 -1.81 -2.04
N ASP B 136 -6.57 -2.83 -2.02
CA ASP B 136 -5.52 -2.86 -1.00
C ASP B 136 -4.54 -1.73 -1.21
N PHE B 137 -4.17 -1.44 -2.46
CA PHE B 137 -3.25 -0.34 -2.72
C PHE B 137 -3.83 0.98 -2.20
N PHE B 138 -5.15 1.17 -2.36
CA PHE B 138 -5.78 2.42 -2.01
C PHE B 138 -6.14 2.50 -0.53
N HIS B 139 -6.23 1.36 0.15
CA HIS B 139 -6.85 1.33 1.47
C HIS B 139 -6.08 2.15 2.50
N THR B 140 -4.74 2.22 2.39
CA THR B 140 -3.97 2.97 3.38
C THR B 140 -4.23 4.48 3.32
N THR B 141 -4.87 4.99 2.26
CA THR B 141 -5.19 6.42 2.19
C THR B 141 -6.36 6.79 3.11
N GLY B 142 -7.16 5.81 3.50
CA GLY B 142 -8.39 6.10 4.21
C GLY B 142 -9.44 6.83 3.39
N ARG B 143 -9.26 6.98 2.09
CA ARG B 143 -10.21 7.75 1.30
C ARG B 143 -11.35 6.87 0.83
N PRO B 144 -12.50 7.46 0.48
CA PRO B 144 -13.66 6.65 0.14
C PRO B 144 -13.54 5.99 -1.23
N VAL B 145 -14.24 4.87 -1.38
CA VAL B 145 -14.34 4.16 -2.64
C VAL B 145 -15.82 4.04 -2.98
N HIS B 146 -16.17 4.28 -4.24
CA HIS B 146 -17.52 4.02 -4.74
C HIS B 146 -17.43 3.01 -5.87
N ILE B 147 -18.13 1.90 -5.74
CA ILE B 147 -18.07 0.80 -6.68
C ILE B 147 -19.30 0.83 -7.57
N LEU B 148 -19.09 0.78 -8.89
CA LEU B 148 -20.16 0.57 -9.85
C LEU B 148 -20.06 -0.89 -10.30
N LEU B 149 -21.06 -1.68 -9.93
CA LEU B 149 -21.24 -3.02 -10.48
C LEU B 149 -21.92 -2.87 -11.82
N SER B 150 -21.10 -2.79 -12.88
CA SER B 150 -21.53 -2.48 -14.23
C SER B 150 -22.17 -3.70 -14.88
N LYS B 151 -22.81 -3.46 -16.03
CA LYS B 151 -23.52 -4.51 -16.78
C LYS B 151 -24.59 -5.17 -15.90
N ALA B 152 -25.18 -4.38 -14.98
CA ALA B 152 -26.19 -4.93 -14.10
C ALA B 152 -27.36 -5.49 -14.87
N ASP B 153 -27.59 -5.00 -16.09
CA ASP B 153 -28.71 -5.47 -16.90
C ASP B 153 -28.55 -6.92 -17.33
N LYS B 154 -27.33 -7.45 -17.24
CA LYS B 154 -27.09 -8.86 -17.56
C LYS B 154 -27.58 -9.80 -16.47
N LEU B 155 -27.91 -9.28 -15.29
CA LEU B 155 -28.43 -10.09 -14.21
C LEU B 155 -29.93 -9.87 -14.07
N SER B 156 -30.64 -10.89 -13.62
CA SER B 156 -32.04 -10.69 -13.23
C SER B 156 -32.11 -9.70 -12.07
N LYS B 157 -33.30 -9.13 -11.84
CA LYS B 157 -33.40 -8.17 -10.74
C LYS B 157 -33.07 -8.84 -9.41
N ASN B 158 -33.55 -10.07 -9.19
CA ASN B 158 -33.24 -10.76 -7.94
C ASN B 158 -31.74 -11.05 -7.83
N GLU B 159 -31.10 -11.37 -8.95
CA GLU B 159 -29.66 -11.61 -8.92
C GLU B 159 -28.90 -10.31 -8.64
N GLN B 160 -29.40 -9.19 -9.17
CA GLN B 160 -28.76 -7.91 -8.88
C GLN B 160 -28.75 -7.62 -7.39
N ILE B 161 -29.90 -7.79 -6.74
CA ILE B 161 -30.02 -7.51 -5.31
C ILE B 161 -29.08 -8.40 -4.51
N LYS B 162 -29.03 -9.70 -4.83
CA LYS B 162 -28.17 -10.62 -4.09
C LYS B 162 -26.71 -10.26 -4.27
N THR B 163 -26.31 -9.98 -5.52
CA THR B 163 -24.91 -9.62 -5.78
C THR B 163 -24.51 -8.37 -5.04
N LEU B 164 -25.40 -7.37 -4.99
CA LEU B 164 -25.08 -6.14 -4.28
C LEU B 164 -24.80 -6.42 -2.81
N SER B 165 -25.66 -7.20 -2.15
CA SER B 165 -25.45 -7.49 -0.73
CA SER B 165 -25.45 -7.48 -0.72
C SER B 165 -24.18 -8.30 -0.51
N GLN B 166 -23.94 -9.29 -1.37
CA GLN B 166 -22.75 -10.12 -1.24
C GLN B 166 -21.48 -9.29 -1.34
N VAL B 167 -21.45 -8.36 -2.29
CA VAL B 167 -20.26 -7.52 -2.47
C VAL B 167 -20.08 -6.60 -1.29
N LYS B 168 -21.16 -5.98 -0.80
CA LYS B 168 -21.02 -5.12 0.36
CA LYS B 168 -21.06 -5.13 0.37
C LYS B 168 -20.49 -5.90 1.56
N LYS B 169 -20.99 -7.11 1.79
CA LYS B 169 -20.53 -7.91 2.92
C LYS B 169 -19.05 -8.23 2.79
N LEU B 170 -18.59 -8.54 1.57
CA LEU B 170 -17.20 -8.91 1.34
C LEU B 170 -16.25 -7.74 1.56
N LEU B 171 -16.74 -6.51 1.47
CA LEU B 171 -15.89 -5.34 1.62
C LEU B 171 -15.91 -4.78 3.04
N LYS B 172 -16.71 -5.35 3.94
CA LYS B 172 -16.76 -4.81 5.30
C LYS B 172 -15.40 -4.69 5.97
N PRO B 173 -14.41 -5.57 5.75
CA PRO B 173 -13.11 -5.37 6.40
C PRO B 173 -12.43 -4.05 6.06
N TYR B 174 -12.72 -3.45 4.90
CA TYR B 174 -12.10 -2.17 4.55
C TYR B 174 -12.66 -1.02 5.36
N SER B 175 -13.78 -1.23 6.05
CA SER B 175 -14.39 -0.17 6.84
C SER B 175 -13.56 0.22 8.06
N ASP B 176 -12.43 -0.45 8.32
CA ASP B 176 -11.56 0.01 9.38
C ASP B 176 -10.93 1.36 9.05
N ARG B 177 -10.76 1.66 7.76
CA ARG B 177 -10.17 2.92 7.33
C ARG B 177 -11.06 3.72 6.39
N GLN B 178 -12.03 3.10 5.72
CA GLN B 178 -12.62 3.70 4.54
C GLN B 178 -14.13 3.55 4.54
N ASN B 179 -14.79 4.53 3.93
CA ASN B 179 -16.20 4.47 3.63
C ASN B 179 -16.35 3.90 2.23
N ILE B 180 -16.76 2.62 2.13
CA ILE B 180 -16.94 1.95 0.85
C ILE B 180 -18.43 1.89 0.56
N SER B 181 -18.82 2.38 -0.61
CA SER B 181 -20.20 2.33 -1.07
C SER B 181 -20.25 1.62 -2.40
N VAL B 182 -21.38 0.96 -2.66
CA VAL B 182 -21.52 0.06 -3.81
C VAL B 182 -22.89 0.26 -4.42
N GLN B 183 -22.96 0.24 -5.75
CA GLN B 183 -24.24 0.35 -6.44
C GLN B 183 -24.23 -0.50 -7.69
N LEU B 184 -25.42 -0.90 -8.12
CA LEU B 184 -25.62 -1.44 -9.45
C LEU B 184 -25.59 -0.31 -10.47
N PHE B 185 -25.09 -0.60 -11.66
CA PHE B 185 -24.97 0.40 -12.72
C PHE B 185 -25.20 -0.27 -14.07
N SER B 186 -25.94 0.40 -14.95
CA SER B 186 -26.12 -0.12 -16.32
C SER B 186 -26.05 1.03 -17.31
N SER B 187 -25.00 1.02 -18.15
CA SER B 187 -24.92 1.95 -19.27
C SER B 187 -26.02 1.68 -20.29
N LEU B 188 -26.34 0.41 -20.53
CA LEU B 188 -27.36 0.09 -21.52
C LEU B 188 -28.74 0.59 -21.09
N LYS B 189 -29.10 0.40 -19.83
CA LYS B 189 -30.41 0.81 -19.33
C LYS B 189 -30.39 2.19 -18.68
N LYS B 190 -29.24 2.87 -18.66
CA LYS B 190 -29.11 4.17 -18.02
C LYS B 190 -29.59 4.12 -16.57
N GLN B 191 -29.05 3.15 -15.82
CA GLN B 191 -29.45 2.87 -14.45
C GLN B 191 -28.29 3.20 -13.52
N GLY B 192 -28.55 4.05 -12.53
CA GLY B 192 -27.58 4.34 -11.50
C GLY B 192 -26.86 5.67 -11.60
N ILE B 193 -27.27 6.54 -12.52
CA ILE B 193 -26.55 7.80 -12.72
C ILE B 193 -26.67 8.69 -11.50
N ASP B 194 -27.86 8.77 -10.90
CA ASP B 194 -28.09 9.73 -9.82
C ASP B 194 -27.24 9.42 -8.59
N GLU B 195 -27.17 8.13 -8.19
CA GLU B 195 -26.37 7.78 -7.01
C GLU B 195 -24.90 8.05 -7.25
N ALA B 196 -24.42 7.82 -8.46
CA ALA B 196 -23.00 8.05 -8.74
C ALA B 196 -22.66 9.53 -8.63
N ASN B 197 -23.51 10.39 -9.21
CA ASN B 197 -23.34 11.83 -9.06
C ASN B 197 -23.43 12.26 -7.60
N ARG B 198 -24.41 11.71 -6.89
CA ARG B 198 -24.61 12.11 -5.49
C ARG B 198 -23.39 11.78 -4.64
N THR B 199 -22.88 10.56 -4.79
CA THR B 199 -21.77 10.11 -3.94
C THR B 199 -20.49 10.88 -4.24
N VAL B 200 -20.10 10.92 -5.52
CA VAL B 200 -18.87 11.61 -5.89
C VAL B 200 -18.99 13.10 -5.64
N GLY B 201 -20.17 13.65 -5.89
CA GLY B 201 -20.42 15.04 -5.52
C GLY B 201 -20.15 15.32 -4.06
N SER B 202 -20.59 14.41 -3.17
CA SER B 202 -20.40 14.64 -1.74
C SER B 202 -18.92 14.69 -1.38
N TRP B 203 -18.08 13.95 -2.09
CA TRP B 203 -16.66 13.98 -1.79
C TRP B 203 -16.07 15.35 -2.05
N PHE B 204 -16.42 15.97 -3.17
CA PHE B 204 -15.84 17.28 -3.48
C PHE B 204 -16.43 18.36 -2.57
N ASP B 205 -17.72 18.24 -2.24
CA ASP B 205 -18.31 19.18 -1.29
C ASP B 205 -17.58 19.13 0.05
N ALA B 206 -17.33 17.91 0.55
CA ALA B 206 -16.56 17.76 1.78
C ALA B 206 -15.17 18.37 1.64
N ALA B 207 -14.51 18.11 0.51
CA ALA B 207 -13.14 18.60 0.33
C ALA B 207 -13.09 20.11 0.16
N ASP B 208 -14.15 20.74 -0.35
CA ASP B 208 -14.15 22.19 -0.55
C ASP B 208 -14.80 22.94 0.62
#